data_6E4L
#
_entry.id   6E4L
#
_cell.length_a   71.210
_cell.length_b   74.340
_cell.length_c   84.230
_cell.angle_alpha   90.00
_cell.angle_beta   90.00
_cell.angle_gamma   90.00
#
_symmetry.space_group_name_H-M   'P 21 21 21'
#
loop_
_entity.id
_entity.type
_entity.pdbx_description
1 polymer 'Clathrin heavy chain 1'
2 non-polymer 'DIMETHYL SULFOXIDE'
3 non-polymer GLYCEROL
4 non-polymer 1,2-ETHANEDIOL
5 non-polymer 'ACETATE ION'
6 non-polymer 5-bromo-N-(4-nitrophenyl)thiophene-2-sulfonamide
7 water water
#
_entity_poly.entity_id   1
_entity_poly.type   'polypeptide(L)'
_entity_poly.pdbx_seq_one_letter_code
;GSPEFMAQILPIRFQEHLQLQNLGINPANIGFSTLTMESDKFICIREKVGEQAQVVIIDMNDPSNPIRRPISADSAIMNP
ASKVIALKAGKTLQIFNIEMKSKMKAHTMTDDVTFWKWISLNTVALVTDNAVYHWSMEGESQPVKMFDRHSSLAGCQIIN
YRTDAKQKWLLLTGISAQQNRVVGAMQLYSVDRKVSQPIEGHAASFAQFKMEGNAEESTLFCFAVRGQAGGKLHIIEVGT
PPTGNQPFPKKAVDVFFPPEAQNDFPVAMQISEKHDVVFLITKYGYIHLYDLETGTCIYMNRISGETIFVTAPHEATAGI
IGVNRKGQVLSVCVEEENIIPYITNVLQNPDLALRMAVRNNLAGAEELF
;
_entity_poly.pdbx_strand_id   A
#
loop_
_chem_comp.id
_chem_comp.type
_chem_comp.name
_chem_comp.formula
ACT non-polymer 'ACETATE ION' 'C2 H3 O2 -1'
DMS non-polymer 'DIMETHYL SULFOXIDE' 'C2 H6 O S'
EDO non-polymer 1,2-ETHANEDIOL 'C2 H6 O2'
GOL non-polymer GLYCEROL 'C3 H8 O3'
HRS non-polymer 5-bromo-N-(4-nitrophenyl)thiophene-2-sulfonamide 'C10 H7 Br N2 O4 S2'
#
# COMPACT_ATOMS: atom_id res chain seq x y z
N PHE A 5 27.30 1.15 -19.93
CA PHE A 5 28.28 1.79 -19.02
C PHE A 5 27.74 1.85 -17.59
N MET A 6 28.56 1.45 -16.63
CA MET A 6 28.21 1.47 -15.21
C MET A 6 27.03 0.54 -14.95
N ALA A 7 26.90 -0.50 -15.78
CA ALA A 7 25.77 -1.41 -15.70
C ALA A 7 25.71 -2.18 -14.39
N GLN A 8 26.81 -2.18 -13.62
CA GLN A 8 26.88 -3.01 -12.42
C GLN A 8 26.25 -2.34 -11.19
N ILE A 9 26.03 -1.04 -11.19
CA ILE A 9 25.45 -0.40 -10.01
C ILE A 9 24.00 -0.08 -10.32
N LEU A 10 23.16 -0.27 -9.32
CA LEU A 10 21.76 0.07 -9.41
C LEU A 10 21.43 1.19 -8.46
N PRO A 11 20.32 1.90 -8.71
CA PRO A 11 19.85 2.90 -7.74
C PRO A 11 19.05 2.31 -6.62
N ILE A 12 18.85 0.98 -6.64
CA ILE A 12 18.06 0.27 -5.63
C ILE A 12 18.87 -0.88 -5.04
N ARG A 13 18.45 -1.31 -3.87
CA ARG A 13 18.86 -2.57 -3.27
C ARG A 13 17.64 -3.48 -3.19
N PHE A 14 17.75 -4.66 -3.78
CA PHE A 14 16.75 -5.71 -3.66
C PHE A 14 17.18 -6.66 -2.54
N GLN A 15 16.19 -7.09 -1.72
CA GLN A 15 16.47 -8.06 -0.65
C GLN A 15 15.37 -9.11 -0.61
N GLU A 16 15.77 -10.34 -0.31
CA GLU A 16 14.84 -11.40 0.08
C GLU A 16 14.93 -11.55 1.60
N HIS A 17 13.79 -11.45 2.27
CA HIS A 17 13.78 -11.59 3.72
C HIS A 17 13.36 -12.96 4.20
N LEU A 18 12.49 -13.64 3.47
CA LEU A 18 11.89 -14.90 3.92
C LEU A 18 11.34 -15.64 2.73
N GLN A 19 11.21 -16.96 2.89
CA GLN A 19 10.41 -17.81 2.03
C GLN A 19 9.37 -18.50 2.90
N LEU A 20 8.11 -18.09 2.78
CA LEU A 20 7.07 -18.58 3.68
C LEU A 20 6.88 -20.09 3.57
N GLN A 21 7.12 -20.67 2.39
CA GLN A 21 6.95 -22.13 2.26
C GLN A 21 7.98 -22.89 3.08
N ASN A 22 9.13 -22.29 3.39
CA ASN A 22 10.10 -22.90 4.28
C ASN A 22 9.70 -22.79 5.74
N LEU A 23 8.67 -22.00 6.06
CA LEU A 23 8.15 -21.87 7.41
C LEU A 23 6.86 -22.66 7.59
N GLY A 24 6.59 -23.63 6.72
CA GLY A 24 5.45 -24.50 6.87
C GLY A 24 4.13 -23.91 6.43
N ILE A 25 4.15 -22.86 5.61
CA ILE A 25 2.92 -22.28 5.08
C ILE A 25 2.54 -23.01 3.81
N ASN A 26 1.27 -23.39 3.72
CA ASN A 26 0.74 -24.03 2.52
C ASN A 26 0.67 -23.01 1.38
N PRO A 27 1.24 -23.30 0.21
CA PRO A 27 1.16 -22.33 -0.90
C PRO A 27 -0.26 -21.92 -1.24
N ALA A 28 -1.25 -22.78 -0.97
CA ALA A 28 -2.61 -22.43 -1.32
C ALA A 28 -3.12 -21.25 -0.50
N ASN A 29 -2.48 -20.96 0.63
CA ASN A 29 -2.92 -19.87 1.48
C ASN A 29 -2.08 -18.62 1.30
N ILE A 30 -1.17 -18.61 0.33
CA ILE A 30 -0.34 -17.44 0.05
C ILE A 30 -1.07 -16.65 -1.03
N GLY A 31 -1.97 -15.77 -0.60
CA GLY A 31 -2.86 -15.05 -1.47
C GLY A 31 -3.65 -13.99 -0.73
N PHE A 32 -4.30 -13.13 -1.51
CA PHE A 32 -4.96 -11.93 -1.00
C PHE A 32 -6.02 -12.25 0.04
N SER A 33 -6.75 -13.35 -0.13
CA SER A 33 -7.87 -13.63 0.74
C SER A 33 -7.47 -14.22 2.08
N THR A 34 -6.24 -14.74 2.20
CA THR A 34 -5.81 -15.48 3.37
C THR A 34 -4.52 -14.97 4.01
N LEU A 35 -3.79 -14.08 3.37
CA LEU A 35 -2.52 -13.59 3.90
C LEU A 35 -2.59 -12.07 3.95
N THR A 36 -2.28 -11.49 5.10
CA THR A 36 -2.28 -10.04 5.29
C THR A 36 -0.92 -9.58 5.82
N MET A 37 -0.53 -8.38 5.37
CA MET A 37 0.72 -7.74 5.81
C MET A 37 0.40 -6.26 5.91
N GLU A 38 -0.06 -5.86 7.08
CA GLU A 38 -0.54 -4.51 7.29
C GLU A 38 0.57 -3.51 7.54
N SER A 39 1.76 -4.03 7.89
CA SER A 39 2.98 -3.27 8.05
C SER A 39 4.11 -4.26 7.89
N ASP A 40 5.35 -3.78 7.94
CA ASP A 40 6.49 -4.65 7.82
C ASP A 40 6.79 -5.43 9.09
N LYS A 41 5.96 -5.33 10.13
CA LYS A 41 6.25 -5.96 11.41
C LYS A 41 5.72 -7.39 11.52
N PHE A 42 4.63 -7.72 10.82
CA PHE A 42 4.00 -9.02 10.95
C PHE A 42 3.43 -9.46 9.61
N ILE A 43 3.39 -10.77 9.41
CA ILE A 43 2.56 -11.40 8.38
C ILE A 43 1.60 -12.35 9.06
N CYS A 44 0.35 -12.32 8.64
CA CYS A 44 -0.71 -13.14 9.22
C CYS A 44 -1.33 -14.00 8.14
N ILE A 45 -1.37 -15.33 8.36
CA ILE A 45 -1.92 -16.28 7.39
C ILE A 45 -3.01 -17.11 8.04
N ARG A 46 -4.18 -17.17 7.39
CA ARG A 46 -5.24 -18.09 7.78
C ARG A 46 -5.09 -19.42 7.03
N GLU A 47 -5.08 -20.52 7.79
CA GLU A 47 -4.90 -21.86 7.23
C GLU A 47 -5.91 -22.82 7.87
N LYS A 48 -6.18 -23.90 7.14
CA LYS A 48 -7.05 -24.97 7.60
C LYS A 48 -6.25 -26.27 7.48
N VAL A 49 -5.85 -26.84 8.62
CA VAL A 49 -5.18 -28.14 8.66
C VAL A 49 -6.18 -29.16 9.18
N GLY A 50 -6.37 -30.24 8.44
CA GLY A 50 -7.52 -31.09 8.69
C GLY A 50 -8.76 -30.24 8.55
N GLU A 51 -9.56 -30.16 9.62
CA GLU A 51 -10.69 -29.24 9.68
C GLU A 51 -10.51 -28.21 10.80
N GLN A 52 -9.28 -28.06 11.30
CA GLN A 52 -8.97 -27.09 12.32
C GLN A 52 -8.53 -25.80 11.64
N ALA A 53 -9.38 -24.77 11.72
CA ALA A 53 -9.00 -23.45 11.22
C ALA A 53 -7.95 -22.84 12.14
N GLN A 54 -6.91 -22.27 11.55
CA GLN A 54 -5.80 -21.74 12.31
C GLN A 54 -5.40 -20.38 11.77
N VAL A 55 -4.76 -19.60 12.65
CA VAL A 55 -4.12 -18.35 12.27
C VAL A 55 -2.65 -18.48 12.62
N VAL A 56 -1.80 -18.17 11.64
CA VAL A 56 -0.34 -18.17 11.81
C VAL A 56 0.11 -16.72 11.80
N ILE A 57 0.89 -16.33 12.80
CA ILE A 57 1.43 -14.97 12.89
C ILE A 57 2.94 -15.08 12.81
N ILE A 58 3.52 -14.45 11.79
CA ILE A 58 4.96 -14.39 11.64
C ILE A 58 5.43 -13.03 12.14
N ASP A 59 6.23 -13.04 13.20
CA ASP A 59 6.87 -11.83 13.71
C ASP A 59 8.13 -11.63 12.89
N MET A 60 8.18 -10.54 12.12
CA MET A 60 9.29 -10.37 11.19
C MET A 60 10.61 -10.13 11.92
N ASN A 61 10.59 -9.83 13.21
CA ASN A 61 11.80 -9.75 14.00
C ASN A 61 12.19 -11.09 14.61
N ASP A 62 11.41 -12.14 14.37
CA ASP A 62 11.64 -13.47 14.91
C ASP A 62 10.94 -14.47 14.01
N PRO A 63 11.29 -14.50 12.71
CA PRO A 63 10.44 -15.21 11.74
C PRO A 63 10.60 -16.72 11.75
N SER A 64 11.66 -17.24 12.36
CA SER A 64 11.89 -18.68 12.39
C SER A 64 10.94 -19.40 13.33
N ASN A 65 10.25 -18.68 14.21
CA ASN A 65 9.38 -19.27 15.23
C ASN A 65 7.98 -18.67 15.10
N PRO A 66 7.28 -18.97 14.01
CA PRO A 66 5.90 -18.47 13.86
C PRO A 66 4.96 -19.13 14.84
N ILE A 67 3.95 -18.37 15.25
CA ILE A 67 2.95 -18.83 16.20
C ILE A 67 1.73 -19.29 15.42
N ARG A 68 1.32 -20.53 15.66
CA ARG A 68 0.16 -21.14 15.01
C ARG A 68 -0.89 -21.40 16.08
N ARG A 69 -2.03 -20.71 15.98
CA ARG A 69 -3.09 -20.77 16.97
C ARG A 69 -4.37 -21.27 16.31
N PRO A 70 -5.06 -22.25 16.91
CA PRO A 70 -6.35 -22.67 16.34
C PRO A 70 -7.45 -21.67 16.63
N ILE A 71 -7.73 -20.77 15.68
CA ILE A 71 -8.79 -19.78 15.81
C ILE A 71 -9.53 -19.71 14.49
N SER A 72 -10.84 -19.52 14.56
CA SER A 72 -11.70 -19.53 13.38
C SER A 72 -12.17 -18.10 13.09
N ALA A 73 -11.75 -17.56 11.95
CA ALA A 73 -12.13 -16.23 11.54
C ALA A 73 -12.15 -16.15 10.03
N ASP A 74 -12.97 -15.25 9.51
CA ASP A 74 -13.03 -15.02 8.08
C ASP A 74 -11.88 -14.15 7.59
N SER A 75 -11.33 -13.34 8.48
CA SER A 75 -10.24 -12.43 8.15
C SER A 75 -9.48 -12.10 9.43
N ALA A 76 -8.19 -11.80 9.26
CA ALA A 76 -7.35 -11.49 10.40
C ALA A 76 -6.31 -10.47 9.96
N ILE A 77 -6.23 -9.34 10.67
CA ILE A 77 -5.27 -8.29 10.34
C ILE A 77 -4.56 -7.81 11.61
N MET A 78 -3.24 -7.94 11.63
CA MET A 78 -2.41 -7.43 12.71
C MET A 78 -2.30 -5.91 12.67
N ASN A 79 -2.26 -5.31 13.86
CA ASN A 79 -2.00 -3.90 13.99
C ASN A 79 -0.66 -3.58 13.34
N PRO A 80 -0.50 -2.38 12.80
CA PRO A 80 0.79 -2.04 12.16
C PRO A 80 1.96 -1.96 13.11
N ALA A 81 1.73 -1.63 14.38
CA ALA A 81 2.81 -1.34 15.32
C ALA A 81 2.81 -2.23 16.55
N SER A 82 1.64 -2.55 17.09
CA SER A 82 1.46 -3.22 18.36
C SER A 82 1.06 -4.67 18.18
N LYS A 83 1.25 -5.46 19.24
CA LYS A 83 0.81 -6.86 19.27
C LYS A 83 -0.70 -6.91 19.55
N VAL A 84 -1.44 -6.41 18.57
CA VAL A 84 -2.89 -6.30 18.60
C VAL A 84 -3.41 -6.86 17.28
N ILE A 85 -4.47 -7.66 17.34
CA ILE A 85 -5.02 -8.27 16.12
C ILE A 85 -6.50 -7.97 16.05
N ALA A 86 -7.00 -7.71 14.83
CA ALA A 86 -8.43 -7.60 14.57
C ALA A 86 -8.89 -8.86 13.84
N LEU A 87 -9.97 -9.44 14.34
CA LEU A 87 -10.54 -10.66 13.79
C LEU A 87 -12.01 -10.43 13.46
N LYS A 88 -12.48 -11.08 12.41
CA LYS A 88 -13.85 -10.94 11.94
C LYS A 88 -14.47 -12.31 11.70
N ALA A 89 -15.72 -12.47 12.13
CA ALA A 89 -16.49 -13.68 11.89
C ALA A 89 -17.92 -13.24 11.61
N GLY A 90 -18.37 -13.39 10.38
CA GLY A 90 -19.67 -12.86 10.00
C GLY A 90 -19.66 -11.35 10.10
N LYS A 91 -20.67 -10.79 10.76
CA LYS A 91 -20.73 -9.35 10.95
C LYS A 91 -20.09 -8.91 12.26
N THR A 92 -19.51 -9.83 13.02
CA THR A 92 -18.93 -9.50 14.31
C THR A 92 -17.44 -9.26 14.17
N LEU A 93 -16.97 -8.13 14.67
CA LEU A 93 -15.57 -7.72 14.65
C LEU A 93 -15.05 -7.67 16.07
N GLN A 94 -13.84 -8.18 16.29
CA GLN A 94 -13.25 -8.12 17.62
C GLN A 94 -11.78 -7.76 17.51
N ILE A 95 -11.33 -6.90 18.42
CA ILE A 95 -9.92 -6.50 18.50
C ILE A 95 -9.36 -7.07 19.79
N PHE A 96 -8.21 -7.73 19.67
N PHE A 96 -8.17 -7.68 19.70
CA PHE A 96 -7.58 -8.41 20.80
CA PHE A 96 -7.61 -8.47 20.79
C PHE A 96 -6.21 -7.84 21.09
C PHE A 96 -6.18 -8.04 21.09
N ASN A 97 -5.89 -7.79 22.37
CA ASN A 97 -4.55 -7.47 22.84
C ASN A 97 -3.85 -8.80 23.10
N ILE A 98 -2.95 -9.17 22.18
CA ILE A 98 -2.30 -10.48 22.23
C ILE A 98 -1.41 -10.60 23.46
N GLU A 99 -0.59 -9.58 23.72
CA GLU A 99 0.34 -9.62 24.83
C GLU A 99 -0.39 -9.82 26.16
N MET A 100 -1.55 -9.17 26.32
CA MET A 100 -2.31 -9.28 27.55
C MET A 100 -3.40 -10.33 27.48
N LYS A 101 -3.45 -11.10 26.38
CA LYS A 101 -4.40 -12.20 26.19
C LYS A 101 -5.82 -11.78 26.55
N SER A 102 -6.22 -10.60 26.07
CA SER A 102 -7.49 -10.00 26.46
C SER A 102 -8.17 -9.32 25.30
N LYS A 103 -9.50 -9.45 25.26
CA LYS A 103 -10.31 -8.72 24.31
C LYS A 103 -10.29 -7.22 24.60
N MET A 104 -10.11 -6.41 23.55
CA MET A 104 -10.10 -4.96 23.69
C MET A 104 -11.48 -4.38 23.42
N LYS A 105 -12.04 -4.64 22.25
CA LYS A 105 -13.41 -4.20 22.00
C LYS A 105 -14.01 -5.05 20.89
N ALA A 106 -15.31 -4.88 20.69
CA ALA A 106 -16.06 -5.70 19.76
C ALA A 106 -17.19 -4.86 19.19
N HIS A 107 -17.61 -5.19 17.97
CA HIS A 107 -18.71 -4.48 17.35
C HIS A 107 -19.39 -5.41 16.35
N THR A 108 -20.72 -5.38 16.33
CA THR A 108 -21.49 -6.15 15.37
C THR A 108 -22.09 -5.19 14.37
N MET A 109 -21.69 -5.36 13.11
CA MET A 109 -22.17 -4.53 12.02
C MET A 109 -23.55 -5.02 11.59
N THR A 110 -24.28 -4.12 10.91
CA THR A 110 -25.51 -4.49 10.22
C THR A 110 -25.25 -4.97 8.79
N ASP A 111 -24.25 -4.41 8.12
CA ASP A 111 -23.87 -4.79 6.77
C ASP A 111 -22.54 -5.54 6.81
N ASP A 112 -22.39 -6.48 5.88
CA ASP A 112 -21.15 -7.22 5.78
C ASP A 112 -19.99 -6.27 5.51
N VAL A 113 -18.84 -6.60 6.08
CA VAL A 113 -17.58 -5.87 5.82
C VAL A 113 -16.84 -6.68 4.75
N THR A 114 -16.72 -6.10 3.55
CA THR A 114 -16.11 -6.78 2.43
C THR A 114 -14.60 -6.58 2.34
N PHE A 115 -14.07 -5.55 3.01
CA PHE A 115 -12.65 -5.24 3.02
C PHE A 115 -12.37 -4.44 4.28
N TRP A 116 -11.26 -4.74 4.96
CA TRP A 116 -10.87 -3.86 6.05
C TRP A 116 -9.34 -3.78 6.13
N LYS A 117 -8.86 -2.71 6.76
CA LYS A 117 -7.43 -2.46 6.80
C LYS A 117 -7.11 -1.45 7.89
N TRP A 118 -6.04 -1.72 8.66
CA TRP A 118 -5.51 -0.71 9.56
C TRP A 118 -4.98 0.48 8.77
N ILE A 119 -5.43 1.69 9.12
CA ILE A 119 -4.93 2.91 8.49
C ILE A 119 -3.99 3.70 9.38
N SER A 120 -3.75 3.26 10.62
CA SER A 120 -2.86 3.95 11.54
C SER A 120 -2.55 2.99 12.68
N LEU A 121 -1.78 3.47 13.65
CA LEU A 121 -1.41 2.65 14.78
C LEU A 121 -2.60 2.31 15.66
N ASN A 122 -3.74 3.00 15.51
CA ASN A 122 -4.87 2.76 16.39
C ASN A 122 -6.24 2.73 15.71
N THR A 123 -6.32 2.80 14.37
CA THR A 123 -7.62 2.88 13.70
C THR A 123 -7.70 1.88 12.56
N VAL A 124 -8.83 1.18 12.47
N VAL A 124 -8.82 1.14 12.52
CA VAL A 124 -9.08 0.21 11.41
CA VAL A 124 -9.17 0.22 11.44
C VAL A 124 -10.23 0.73 10.55
C VAL A 124 -10.18 0.91 10.53
N ALA A 125 -10.05 0.69 9.24
CA ALA A 125 -11.05 1.13 8.27
C ALA A 125 -11.89 -0.07 7.85
N LEU A 126 -13.21 0.14 7.80
CA LEU A 126 -14.17 -0.90 7.41
C LEU A 126 -14.91 -0.47 6.14
N VAL A 127 -14.96 -1.36 5.16
CA VAL A 127 -15.62 -1.09 3.89
C VAL A 127 -16.79 -2.06 3.76
N THR A 128 -17.99 -1.52 3.62
CA THR A 128 -19.18 -2.32 3.31
C THR A 128 -19.56 -2.06 1.85
N ASP A 129 -20.63 -2.72 1.39
CA ASP A 129 -21.06 -2.52 0.01
C ASP A 129 -21.36 -1.07 -0.30
N ASN A 130 -21.77 -0.27 0.69
CA ASN A 130 -22.19 1.09 0.42
C ASN A 130 -21.54 2.18 1.27
N ALA A 131 -20.60 1.85 2.16
CA ALA A 131 -20.02 2.91 2.97
C ALA A 131 -18.64 2.50 3.51
N VAL A 132 -17.94 3.50 4.05
CA VAL A 132 -16.64 3.32 4.67
C VAL A 132 -16.70 3.92 6.07
N TYR A 133 -16.23 3.15 7.07
CA TYR A 133 -16.19 3.56 8.46
C TYR A 133 -14.75 3.54 8.96
N HIS A 134 -14.49 4.36 9.98
CA HIS A 134 -13.26 4.27 10.75
C HIS A 134 -13.61 3.83 12.17
N TRP A 135 -12.82 2.89 12.70
CA TRP A 135 -13.05 2.34 14.03
C TRP A 135 -11.76 2.44 14.84
N SER A 136 -11.77 3.24 15.89
CA SER A 136 -10.66 3.25 16.84
C SER A 136 -10.58 1.97 17.66
N MET A 137 -9.35 1.50 17.92
CA MET A 137 -9.15 0.37 18.82
C MET A 137 -9.16 0.78 20.30
N GLU A 138 -9.26 2.07 20.59
CA GLU A 138 -9.20 2.57 21.96
C GLU A 138 -10.60 2.96 22.41
N GLY A 139 -10.81 2.91 23.73
CA GLY A 139 -12.07 3.38 24.31
C GLY A 139 -13.26 2.52 23.91
N GLU A 140 -14.44 3.12 24.00
CA GLU A 140 -15.69 2.40 23.76
C GLU A 140 -16.31 2.69 22.40
N SER A 141 -15.77 3.63 21.63
CA SER A 141 -16.44 4.14 20.45
C SER A 141 -16.74 3.04 19.44
N GLN A 142 -17.92 3.14 18.84
CA GLN A 142 -18.29 2.30 17.71
C GLN A 142 -17.67 2.86 16.44
N PRO A 143 -17.71 2.09 15.36
CA PRO A 143 -17.27 2.64 14.07
C PRO A 143 -18.07 3.88 13.69
N VAL A 144 -17.37 4.80 13.03
CA VAL A 144 -17.94 6.07 12.58
C VAL A 144 -17.96 6.06 11.05
N LYS A 145 -19.13 6.27 10.45
CA LYS A 145 -19.22 6.38 9.00
C LYS A 145 -18.48 7.63 8.52
N MET A 146 -17.54 7.44 7.60
CA MET A 146 -16.78 8.52 7.00
C MET A 146 -17.38 9.02 5.70
N PHE A 147 -17.90 8.12 4.86
CA PHE A 147 -18.54 8.55 3.62
C PHE A 147 -19.31 7.38 3.00
N ASP A 148 -20.21 7.73 2.10
CA ASP A 148 -20.97 6.75 1.34
C ASP A 148 -20.23 6.42 0.05
N ARG A 149 -20.30 5.16 -0.36
CA ARG A 149 -19.56 4.72 -1.54
C ARG A 149 -20.19 5.28 -2.80
N HIS A 150 -19.32 5.67 -3.73
CA HIS A 150 -19.72 6.20 -5.03
C HIS A 150 -20.16 5.08 -5.95
N SER A 151 -21.17 5.37 -6.78
CA SER A 151 -21.74 4.35 -7.64
C SER A 151 -20.73 3.77 -8.61
N SER A 152 -19.67 4.50 -8.95
CA SER A 152 -18.69 4.00 -9.91
C SER A 152 -17.92 2.78 -9.39
N LEU A 153 -17.98 2.51 -8.08
CA LEU A 153 -17.33 1.33 -7.52
C LEU A 153 -18.28 0.16 -7.31
N ALA A 154 -19.55 0.31 -7.71
CA ALA A 154 -20.51 -0.77 -7.48
C ALA A 154 -20.08 -2.02 -8.22
N GLY A 155 -20.08 -3.15 -7.51
CA GLY A 155 -19.68 -4.42 -8.08
C GLY A 155 -18.20 -4.65 -8.18
N CYS A 156 -17.37 -3.68 -7.76
N CYS A 156 -17.36 -3.70 -7.76
CA CYS A 156 -15.93 -3.84 -7.81
CA CYS A 156 -15.92 -3.86 -7.89
C CYS A 156 -15.44 -4.77 -6.71
C CYS A 156 -15.35 -4.63 -6.70
N GLN A 157 -14.31 -5.41 -6.99
CA GLN A 157 -13.52 -6.02 -5.93
C GLN A 157 -12.69 -4.94 -5.26
N ILE A 158 -12.94 -4.69 -3.98
CA ILE A 158 -12.16 -3.70 -3.24
C ILE A 158 -10.76 -4.25 -2.96
N ILE A 159 -9.74 -3.48 -3.34
CA ILE A 159 -8.36 -3.95 -3.20
C ILE A 159 -7.51 -3.08 -2.29
N ASN A 160 -7.94 -1.86 -1.96
CA ASN A 160 -7.13 -1.00 -1.11
C ASN A 160 -8.01 0.10 -0.51
N TYR A 161 -7.57 0.60 0.66
CA TYR A 161 -8.11 1.80 1.27
C TYR A 161 -6.96 2.46 2.02
N ARG A 162 -6.77 3.76 1.81
CA ARG A 162 -5.68 4.44 2.49
C ARG A 162 -6.00 5.94 2.57
N THR A 163 -5.25 6.62 3.42
CA THR A 163 -5.53 8.02 3.75
C THR A 163 -4.21 8.80 3.76
N ASP A 164 -4.34 10.12 3.73
CA ASP A 164 -3.19 10.95 4.02
C ASP A 164 -2.91 10.92 5.53
N ALA A 165 -1.79 11.53 5.93
CA ALA A 165 -1.38 11.42 7.33
C ALA A 165 -2.45 11.98 8.26
N LYS A 166 -3.07 13.09 7.87
CA LYS A 166 -4.04 13.76 8.73
C LYS A 166 -5.45 13.17 8.63
N GLN A 167 -5.65 12.13 7.82
CA GLN A 167 -6.95 11.48 7.69
C GLN A 167 -8.04 12.48 7.28
N LYS A 168 -7.65 13.43 6.43
CA LYS A 168 -8.58 14.34 5.78
C LYS A 168 -8.86 13.98 4.33
N TRP A 169 -8.01 13.15 3.72
CA TRP A 169 -8.17 12.70 2.33
C TRP A 169 -8.19 11.19 2.35
N LEU A 170 -9.30 10.61 1.92
CA LEU A 170 -9.54 9.17 2.02
C LEU A 170 -9.70 8.60 0.62
N LEU A 171 -9.10 7.45 0.37
CA LEU A 171 -9.09 6.85 -0.97
C LEU A 171 -9.48 5.38 -0.92
N LEU A 172 -10.58 5.05 -1.60
CA LEU A 172 -11.04 3.67 -1.77
C LEU A 172 -10.78 3.22 -3.21
N THR A 173 -10.16 2.05 -3.37
CA THR A 173 -9.79 1.55 -4.69
C THR A 173 -10.41 0.18 -4.92
N GLY A 174 -11.06 0.03 -6.06
CA GLY A 174 -11.55 -1.26 -6.49
C GLY A 174 -11.17 -1.55 -7.94
N ILE A 175 -11.36 -2.81 -8.33
CA ILE A 175 -11.13 -3.22 -9.71
C ILE A 175 -12.33 -4.03 -10.17
N SER A 176 -12.52 -4.04 -11.48
CA SER A 176 -13.54 -4.89 -12.07
C SER A 176 -13.05 -5.39 -13.42
N ALA A 177 -13.63 -6.49 -13.86
CA ALA A 177 -13.35 -7.05 -15.17
C ALA A 177 -14.32 -6.45 -16.19
N GLN A 178 -13.78 -5.85 -17.22
CA GLN A 178 -14.55 -5.28 -18.33
C GLN A 178 -14.00 -5.98 -19.57
N GLN A 179 -14.77 -6.92 -20.12
CA GLN A 179 -14.28 -7.79 -21.19
C GLN A 179 -13.02 -8.45 -20.67
N ASN A 180 -11.87 -8.31 -21.33
CA ASN A 180 -10.64 -8.94 -20.90
C ASN A 180 -9.69 -7.94 -20.26
N ARG A 181 -10.22 -6.82 -19.78
CA ARG A 181 -9.43 -5.76 -19.18
C ARG A 181 -9.72 -5.68 -17.68
N VAL A 182 -8.71 -5.28 -16.91
CA VAL A 182 -8.86 -5.00 -15.48
C VAL A 182 -8.92 -3.49 -15.34
N VAL A 183 -10.06 -2.97 -14.90
CA VAL A 183 -10.30 -1.53 -14.82
C VAL A 183 -10.33 -1.11 -13.36
N GLY A 184 -9.51 -0.12 -13.03
CA GLY A 184 -9.47 0.41 -11.69
C GLY A 184 -10.48 1.54 -11.51
N ALA A 185 -11.12 1.54 -10.35
CA ALA A 185 -12.08 2.57 -9.98
C ALA A 185 -11.76 3.06 -8.58
N MET A 186 -11.46 4.35 -8.46
CA MET A 186 -11.10 4.96 -7.19
C MET A 186 -12.12 5.99 -6.77
N GLN A 187 -12.30 6.13 -5.46
CA GLN A 187 -13.11 7.17 -4.87
C GLN A 187 -12.22 7.97 -3.91
N LEU A 188 -11.96 9.23 -4.26
CA LEU A 188 -11.25 10.17 -3.40
C LEU A 188 -12.27 11.02 -2.66
N TYR A 189 -12.24 10.98 -1.33
CA TYR A 189 -13.19 11.71 -0.48
C TYR A 189 -12.44 12.78 0.32
N SER A 190 -12.96 14.01 0.31
CA SER A 190 -12.48 15.10 1.15
C SER A 190 -13.35 15.16 2.42
N VAL A 191 -12.72 14.98 3.58
CA VAL A 191 -13.45 15.00 4.85
C VAL A 191 -13.98 16.39 5.13
N ASP A 192 -13.22 17.43 4.76
CA ASP A 192 -13.59 18.79 5.09
C ASP A 192 -14.63 19.34 4.13
N ARG A 193 -14.52 19.02 2.84
CA ARG A 193 -15.49 19.49 1.85
C ARG A 193 -16.69 18.57 1.73
N LYS A 194 -16.62 17.36 2.28
CA LYS A 194 -17.69 16.38 2.17
C LYS A 194 -18.05 16.12 0.71
N VAL A 195 -17.01 15.91 -0.11
CA VAL A 195 -17.15 15.73 -1.54
C VAL A 195 -16.34 14.51 -1.97
N SER A 196 -16.87 13.75 -2.93
CA SER A 196 -16.19 12.61 -3.52
C SER A 196 -15.86 12.90 -4.98
N GLN A 197 -14.72 12.39 -5.44
CA GLN A 197 -14.33 12.50 -6.85
C GLN A 197 -14.00 11.12 -7.36
N PRO A 198 -14.69 10.62 -8.39
CA PRO A 198 -14.29 9.34 -8.98
C PRO A 198 -13.10 9.51 -9.92
N ILE A 199 -12.22 8.51 -9.89
CA ILE A 199 -10.96 8.54 -10.61
C ILE A 199 -10.71 7.15 -11.17
N GLU A 200 -10.37 7.06 -12.45
CA GLU A 200 -9.89 5.79 -13.00
C GLU A 200 -8.43 5.62 -12.60
N GLY A 201 -8.16 4.69 -11.68
CA GLY A 201 -6.81 4.47 -11.23
C GLY A 201 -6.65 3.07 -10.70
N HIS A 202 -5.42 2.56 -10.79
CA HIS A 202 -5.09 1.20 -10.37
C HIS A 202 -4.39 1.12 -9.02
N ALA A 203 -3.47 2.03 -8.71
CA ALA A 203 -2.72 2.03 -7.46
C ALA A 203 -2.37 3.46 -7.09
N ALA A 204 -2.20 3.71 -5.79
CA ALA A 204 -2.00 5.09 -5.35
C ALA A 204 -1.42 5.12 -3.95
N SER A 205 -0.96 6.33 -3.57
CA SER A 205 -0.51 6.62 -2.22
C SER A 205 -0.52 8.12 -2.02
N PHE A 206 -0.56 8.52 -0.75
CA PHE A 206 -0.37 9.91 -0.37
C PHE A 206 1.06 10.11 0.12
N ALA A 207 1.48 11.37 0.16
CA ALA A 207 2.81 11.67 0.65
C ALA A 207 2.84 13.10 1.15
N GLN A 208 3.75 13.37 2.07
CA GLN A 208 4.07 14.72 2.50
C GLN A 208 5.38 15.15 1.85
N PHE A 209 5.39 16.34 1.26
CA PHE A 209 6.54 16.80 0.50
C PHE A 209 6.72 18.29 0.74
N LYS A 210 7.93 18.69 1.14
CA LYS A 210 8.25 20.09 1.38
C LYS A 210 8.94 20.64 0.14
N MET A 211 8.23 21.51 -0.59
CA MET A 211 8.78 22.15 -1.76
C MET A 211 9.89 23.13 -1.39
N GLU A 212 10.85 23.28 -2.29
CA GLU A 212 11.82 24.36 -2.17
C GLU A 212 11.08 25.69 -2.13
N GLY A 213 11.38 26.49 -1.12
CA GLY A 213 10.77 27.80 -0.97
C GLY A 213 9.54 27.83 -0.09
N ASN A 214 8.97 26.68 0.24
CA ASN A 214 7.83 26.60 1.14
C ASN A 214 8.30 26.25 2.55
N ALA A 215 7.66 26.84 3.54
CA ALA A 215 7.96 26.51 4.93
C ALA A 215 7.21 25.27 5.38
N GLU A 216 6.04 24.99 4.80
CA GLU A 216 5.18 23.90 5.23
C GLU A 216 5.14 22.80 4.18
N GLU A 217 4.87 21.59 4.65
CA GLU A 217 4.75 20.44 3.74
C GLU A 217 3.47 20.53 2.91
N SER A 218 3.55 20.03 1.68
CA SER A 218 2.39 19.82 0.83
C SER A 218 1.89 18.39 1.01
N THR A 219 0.57 18.20 0.94
CA THR A 219 -0.03 16.87 0.94
C THR A 219 -0.23 16.46 -0.52
N LEU A 220 0.49 15.44 -0.95
CA LEU A 220 0.44 14.99 -2.33
C LEU A 220 -0.34 13.69 -2.44
N PHE A 221 -1.02 13.54 -3.57
CA PHE A 221 -1.74 12.34 -3.95
C PHE A 221 -1.14 11.84 -5.26
N CYS A 222 -0.67 10.60 -5.27
CA CYS A 222 -0.05 10.03 -6.44
C CYS A 222 -0.86 8.81 -6.83
N PHE A 223 -1.26 8.72 -8.08
CA PHE A 223 -1.91 7.51 -8.56
C PHE A 223 -1.39 7.14 -9.94
N ALA A 224 -1.46 5.84 -10.22
CA ALA A 224 -1.03 5.28 -11.49
C ALA A 224 -2.16 4.45 -12.07
N VAL A 225 -2.23 4.44 -13.40
CA VAL A 225 -3.30 3.72 -14.10
C VAL A 225 -2.78 3.24 -15.44
N ARG A 226 -3.34 2.13 -15.92
CA ARG A 226 -3.20 1.76 -17.32
C ARG A 226 -4.61 1.63 -17.89
N GLY A 227 -5.00 2.61 -18.69
CA GLY A 227 -6.31 2.60 -19.32
C GLY A 227 -6.20 2.59 -20.83
N GLN A 228 -7.28 2.98 -21.51
CA GLN A 228 -7.29 3.01 -22.97
C GLN A 228 -6.21 3.94 -23.50
N ALA A 229 -5.82 4.96 -22.71
CA ALA A 229 -4.80 5.92 -23.08
C ALA A 229 -3.40 5.48 -22.70
N GLY A 230 -3.24 4.25 -22.21
CA GLY A 230 -1.93 3.76 -21.83
C GLY A 230 -1.64 4.00 -20.36
N GLY A 231 -0.37 3.79 -20.02
CA GLY A 231 0.07 3.91 -18.64
C GLY A 231 0.40 5.36 -18.31
N LYS A 232 -0.16 5.84 -17.20
CA LYS A 232 0.00 7.21 -16.73
C LYS A 232 0.18 7.23 -15.23
N LEU A 233 1.01 8.16 -14.75
CA LEU A 233 1.18 8.42 -13.33
C LEU A 233 0.96 9.91 -13.10
N HIS A 234 0.17 10.22 -12.09
CA HIS A 234 -0.15 11.60 -11.73
C HIS A 234 0.30 11.90 -10.30
N ILE A 235 0.83 13.11 -10.10
CA ILE A 235 1.24 13.59 -8.78
C ILE A 235 0.56 14.94 -8.59
N ILE A 236 -0.30 15.05 -7.58
CA ILE A 236 -1.23 16.17 -7.41
C ILE A 236 -1.25 16.61 -5.96
N GLU A 237 -1.23 17.92 -5.72
CA GLU A 237 -1.53 18.41 -4.37
C GLU A 237 -3.04 18.38 -4.14
N VAL A 238 -3.45 17.87 -2.98
CA VAL A 238 -4.87 17.82 -2.62
C VAL A 238 -5.14 18.79 -1.49
N GLY A 239 -6.26 19.50 -1.59
CA GLY A 239 -6.65 20.46 -0.59
C GLY A 239 -6.06 21.83 -0.85
N THR A 240 -6.39 22.73 0.05
CA THR A 240 -5.83 24.08 -0.06
C THR A 240 -4.40 24.07 0.47
N PRO A 241 -3.45 24.66 -0.25
CA PRO A 241 -2.08 24.70 0.27
C PRO A 241 -2.03 25.41 1.61
N PRO A 242 -1.15 24.98 2.51
CA PRO A 242 -0.95 25.73 3.75
C PRO A 242 -0.69 27.21 3.46
N THR A 243 -1.16 28.06 4.36
CA THR A 243 -0.95 29.49 4.21
C THR A 243 0.55 29.81 4.10
N GLY A 244 0.91 30.56 3.05
CA GLY A 244 2.27 30.92 2.77
C GLY A 244 2.94 30.02 1.75
N ASN A 245 2.32 28.89 1.44
CA ASN A 245 2.90 27.96 0.48
C ASN A 245 2.56 28.36 -0.94
N GLN A 246 3.51 28.14 -1.85
CA GLN A 246 3.16 28.08 -3.25
C GLN A 246 2.52 26.71 -3.53
N PRO A 247 1.60 26.64 -4.48
CA PRO A 247 1.00 25.34 -4.82
C PRO A 247 1.99 24.44 -5.55
N PHE A 248 1.82 23.14 -5.35
CA PHE A 248 2.65 22.15 -6.03
C PHE A 248 2.18 21.99 -7.46
N PRO A 249 3.02 22.24 -8.47
CA PRO A 249 2.60 22.05 -9.86
C PRO A 249 2.28 20.58 -10.15
N LYS A 250 1.06 20.33 -10.63
CA LYS A 250 0.63 19.00 -11.02
C LYS A 250 1.62 18.35 -11.98
N LYS A 251 1.91 17.06 -11.76
CA LYS A 251 2.80 16.30 -12.64
C LYS A 251 2.04 15.15 -13.27
N ALA A 252 2.31 14.89 -14.54
CA ALA A 252 1.76 13.73 -15.23
C ALA A 252 2.82 13.16 -16.14
N VAL A 253 3.08 11.84 -16.03
CA VAL A 253 4.11 11.19 -16.81
C VAL A 253 3.60 9.83 -17.29
N ASP A 254 4.30 9.28 -18.27
CA ASP A 254 3.97 7.96 -18.78
C ASP A 254 4.47 6.88 -17.84
N VAL A 255 3.74 5.78 -17.81
CA VAL A 255 4.16 4.54 -17.14
C VAL A 255 4.40 3.53 -18.25
N PHE A 256 5.65 3.12 -18.42
CA PHE A 256 6.05 2.28 -19.55
C PHE A 256 5.76 0.81 -19.30
N PHE A 257 5.27 0.13 -20.34
CA PHE A 257 5.15 -1.32 -20.37
C PHE A 257 5.78 -1.83 -21.65
N PRO A 258 6.64 -2.85 -21.59
CA PRO A 258 7.27 -3.36 -22.81
C PRO A 258 6.26 -4.08 -23.70
N PRO A 259 6.60 -4.30 -24.96
CA PRO A 259 5.63 -4.90 -25.89
C PRO A 259 5.15 -6.28 -25.47
N GLU A 260 5.98 -7.05 -24.77
CA GLU A 260 5.54 -8.37 -24.32
C GLU A 260 4.67 -8.33 -23.07
N ALA A 261 4.31 -7.14 -22.58
CA ALA A 261 3.55 -7.01 -21.35
C ALA A 261 2.28 -6.19 -21.55
N GLN A 262 1.56 -6.45 -22.66
CA GLN A 262 0.34 -5.73 -22.99
C GLN A 262 -0.73 -5.88 -21.92
N ASN A 263 -0.69 -6.96 -21.15
CA ASN A 263 -1.70 -7.24 -20.14
C ASN A 263 -1.23 -6.94 -18.72
N ASP A 264 -0.05 -6.34 -18.56
CA ASP A 264 0.41 -5.90 -17.25
C ASP A 264 -0.24 -4.57 -16.90
N PHE A 265 -0.30 -4.28 -15.60
CA PHE A 265 -0.88 -3.02 -15.13
C PHE A 265 -0.41 -2.77 -13.70
N PRO A 266 -0.57 -1.56 -13.18
CA PRO A 266 -0.13 -1.28 -11.80
C PRO A 266 -0.98 -1.98 -10.75
N VAL A 267 -0.34 -2.46 -9.68
CA VAL A 267 -1.09 -3.08 -8.59
C VAL A 267 -0.73 -2.55 -7.21
N ALA A 268 0.42 -1.90 -7.01
CA ALA A 268 0.79 -1.47 -5.66
C ALA A 268 1.65 -0.23 -5.75
N MET A 269 1.57 0.61 -4.72
CA MET A 269 2.39 1.82 -4.63
C MET A 269 2.73 2.07 -3.17
N GLN A 270 3.98 2.45 -2.92
CA GLN A 270 4.36 3.07 -1.67
C GLN A 270 5.32 4.19 -2.00
N ILE A 271 5.41 5.17 -1.10
CA ILE A 271 6.26 6.33 -1.32
C ILE A 271 7.25 6.43 -0.18
N SER A 272 8.52 6.65 -0.51
CA SER A 272 9.56 6.84 0.50
C SER A 272 9.45 8.23 1.07
N GLU A 273 9.23 8.31 2.38
CA GLU A 273 9.23 9.58 3.08
C GLU A 273 10.62 10.22 3.06
N LYS A 274 11.66 9.40 3.22
CA LYS A 274 13.01 9.92 3.34
C LYS A 274 13.56 10.39 2.01
N HIS A 275 13.27 9.67 0.93
CA HIS A 275 13.92 9.89 -0.35
C HIS A 275 13.04 10.57 -1.39
N ASP A 276 11.77 10.80 -1.07
CA ASP A 276 10.81 11.41 -1.99
C ASP A 276 10.85 10.69 -3.34
N VAL A 277 10.65 9.37 -3.26
CA VAL A 277 10.59 8.47 -4.40
C VAL A 277 9.31 7.64 -4.30
N VAL A 278 8.68 7.44 -5.46
CA VAL A 278 7.50 6.59 -5.60
C VAL A 278 7.96 5.21 -6.05
N PHE A 279 7.55 4.18 -5.32
CA PHE A 279 7.73 2.80 -5.76
C PHE A 279 6.42 2.29 -6.34
N LEU A 280 6.45 1.81 -7.58
CA LEU A 280 5.27 1.26 -8.24
C LEU A 280 5.54 -0.18 -8.61
N ILE A 281 4.64 -1.08 -8.23
CA ILE A 281 4.76 -2.49 -8.58
C ILE A 281 3.63 -2.87 -9.50
N THR A 282 3.97 -3.61 -10.56
CA THR A 282 2.99 -4.07 -11.55
C THR A 282 2.61 -5.52 -11.29
N LYS A 283 1.46 -5.89 -11.86
CA LYS A 283 0.94 -7.26 -11.75
C LYS A 283 1.98 -8.31 -12.12
N TYR A 284 2.80 -8.05 -13.15
CA TYR A 284 3.78 -9.04 -13.61
C TYR A 284 5.02 -9.10 -12.73
N GLY A 285 5.15 -8.24 -11.72
CA GLY A 285 6.30 -8.26 -10.85
C GLY A 285 7.38 -7.25 -11.19
N TYR A 286 7.04 -6.21 -11.94
CA TYR A 286 8.01 -5.16 -12.24
C TYR A 286 7.93 -4.11 -11.16
N ILE A 287 9.08 -3.51 -10.86
CA ILE A 287 9.13 -2.34 -10.01
C ILE A 287 9.58 -1.16 -10.85
N HIS A 288 8.96 -0.02 -10.59
CA HIS A 288 9.37 1.26 -11.14
C HIS A 288 9.68 2.21 -10.00
N LEU A 289 10.64 3.09 -10.25
N LEU A 289 10.67 3.06 -10.17
CA LEU A 289 10.99 4.19 -9.36
CA LEU A 289 10.93 4.17 -9.27
C LEU A 289 10.69 5.51 -10.06
C LEU A 289 10.70 5.48 -10.01
N TYR A 290 9.98 6.41 -9.38
CA TYR A 290 9.72 7.75 -9.90
C TYR A 290 10.10 8.78 -8.85
N ASP A 291 10.70 9.88 -9.31
CA ASP A 291 10.90 11.06 -8.46
C ASP A 291 9.55 11.64 -8.09
N LEU A 292 9.33 11.84 -6.79
CA LEU A 292 8.06 12.41 -6.34
C LEU A 292 7.89 13.86 -6.80
N GLU A 293 8.99 14.62 -6.84
CA GLU A 293 8.86 16.04 -7.13
C GLU A 293 8.48 16.28 -8.59
N THR A 294 9.11 15.56 -9.52
CA THR A 294 8.91 15.78 -10.95
C THR A 294 8.21 14.65 -11.70
N GLY A 295 8.07 13.47 -11.08
CA GLY A 295 7.61 12.31 -11.80
C GLY A 295 8.64 11.63 -12.71
N THR A 296 9.88 12.12 -12.75
CA THR A 296 10.89 11.49 -13.59
C THR A 296 11.05 10.02 -13.24
N CYS A 297 11.04 9.18 -14.28
CA CYS A 297 11.25 7.75 -14.07
C CYS A 297 12.74 7.50 -13.84
N ILE A 298 13.05 6.96 -12.66
CA ILE A 298 14.43 6.69 -12.28
C ILE A 298 14.87 5.30 -12.71
N TYR A 299 13.98 4.30 -12.65
CA TYR A 299 14.43 2.91 -12.79
C TYR A 299 13.22 2.02 -13.01
N MET A 300 13.42 0.96 -13.83
CA MET A 300 12.43 -0.10 -13.99
C MET A 300 13.14 -1.44 -14.14
N ASN A 301 12.55 -2.48 -13.55
CA ASN A 301 13.09 -3.82 -13.73
C ASN A 301 12.07 -4.81 -13.21
N ARG A 302 12.11 -6.03 -13.75
CA ARG A 302 11.28 -7.11 -13.22
C ARG A 302 12.03 -7.76 -12.06
N ILE A 303 11.47 -7.65 -10.84
CA ILE A 303 12.14 -8.14 -9.65
C ILE A 303 11.45 -9.37 -9.04
N SER A 304 10.34 -9.83 -9.61
CA SER A 304 9.65 -11.00 -9.09
C SER A 304 9.05 -11.81 -10.24
N GLY A 305 9.24 -13.13 -10.18
CA GLY A 305 8.63 -14.02 -11.15
C GLY A 305 7.17 -14.30 -10.90
N GLU A 306 6.70 -13.99 -9.70
CA GLU A 306 5.32 -14.16 -9.28
C GLU A 306 4.70 -12.81 -8.92
N THR A 307 3.38 -12.74 -9.05
CA THR A 307 2.68 -11.53 -8.71
C THR A 307 2.86 -11.22 -7.22
N ILE A 308 3.08 -9.95 -6.93
CA ILE A 308 3.21 -9.42 -5.58
C ILE A 308 1.84 -8.84 -5.22
N PHE A 309 1.14 -9.45 -4.26
CA PHE A 309 -0.27 -9.13 -4.01
C PHE A 309 -0.52 -8.30 -2.76
N VAL A 310 0.51 -8.03 -1.95
CA VAL A 310 0.39 -7.18 -0.77
C VAL A 310 1.73 -6.48 -0.58
N THR A 311 1.67 -5.21 -0.18
CA THR A 311 2.88 -4.44 0.11
C THR A 311 2.65 -3.55 1.32
N ALA A 312 3.75 -3.07 1.86
CA ALA A 312 3.74 -2.12 2.96
C ALA A 312 4.99 -1.27 2.86
N PRO A 313 5.01 -0.14 3.52
CA PRO A 313 6.28 0.58 3.67
C PRO A 313 7.28 -0.28 4.43
N HIS A 314 8.54 -0.19 4.02
CA HIS A 314 9.62 -0.87 4.73
C HIS A 314 10.36 0.19 5.54
N GLU A 315 10.09 0.21 6.85
CA GLU A 315 10.45 1.38 7.66
C GLU A 315 11.96 1.60 7.70
N ALA A 316 12.72 0.54 7.97
CA ALA A 316 14.14 0.71 8.22
C ALA A 316 14.88 1.29 7.02
N THR A 317 14.40 1.00 5.80
CA THR A 317 15.06 1.45 4.58
C THR A 317 14.29 2.55 3.86
N ALA A 318 13.15 2.98 4.39
CA ALA A 318 12.25 3.86 3.68
C ALA A 318 11.95 3.31 2.30
N GLY A 319 11.76 1.99 2.24
CA GLY A 319 11.47 1.30 0.99
C GLY A 319 10.09 0.69 0.93
N ILE A 320 9.96 -0.41 0.18
CA ILE A 320 8.70 -1.12 -0.03
C ILE A 320 8.99 -2.60 0.19
N ILE A 321 8.12 -3.25 0.95
CA ILE A 321 8.21 -4.68 1.18
C ILE A 321 6.93 -5.33 0.68
N GLY A 322 7.04 -6.55 0.16
CA GLY A 322 5.91 -7.23 -0.43
C GLY A 322 6.04 -8.72 -0.34
N VAL A 323 4.92 -9.39 -0.55
CA VAL A 323 4.86 -10.85 -0.58
C VAL A 323 4.35 -11.25 -1.96
N ASN A 324 5.03 -12.22 -2.59
CA ASN A 324 4.55 -12.73 -3.86
C ASN A 324 3.87 -14.07 -3.67
N ARG A 325 3.23 -14.54 -4.74
CA ARG A 325 2.33 -15.67 -4.63
C ARG A 325 3.05 -16.99 -4.30
N LYS A 326 4.37 -17.06 -4.48
CA LYS A 326 5.15 -18.23 -4.06
C LYS A 326 5.58 -18.15 -2.60
N GLY A 327 5.35 -17.03 -1.94
CA GLY A 327 5.79 -16.85 -0.57
C GLY A 327 7.13 -16.17 -0.38
N GLN A 328 7.72 -15.61 -1.44
CA GLN A 328 8.92 -14.80 -1.25
C GLN A 328 8.51 -13.49 -0.64
N VAL A 329 9.16 -13.12 0.45
CA VAL A 329 9.00 -11.81 1.06
C VAL A 329 10.21 -11.01 0.66
N LEU A 330 9.98 -9.92 -0.06
CA LEU A 330 11.05 -9.21 -0.73
C LEU A 330 10.87 -7.72 -0.50
N SER A 331 11.97 -6.97 -0.62
CA SER A 331 11.89 -5.52 -0.49
C SER A 331 12.80 -4.85 -1.50
N VAL A 332 12.45 -3.61 -1.82
CA VAL A 332 13.26 -2.73 -2.66
C VAL A 332 13.39 -1.40 -1.93
N CYS A 333 14.59 -0.85 -1.91
CA CYS A 333 14.79 0.49 -1.36
C CYS A 333 15.83 1.22 -2.20
N VAL A 334 15.92 2.53 -1.98
CA VAL A 334 17.00 3.32 -2.55
C VAL A 334 18.35 2.84 -2.01
N GLU A 335 19.29 2.64 -2.93
CA GLU A 335 20.70 2.46 -2.58
C GLU A 335 21.34 3.85 -2.43
N GLU A 336 21.62 4.26 -1.20
CA GLU A 336 21.88 5.67 -0.94
C GLU A 336 23.24 6.11 -1.47
N GLU A 337 24.18 5.20 -1.60
CA GLU A 337 25.50 5.52 -2.13
C GLU A 337 25.54 5.46 -3.66
N ASN A 338 24.65 4.71 -4.30
CA ASN A 338 24.74 4.52 -5.74
C ASN A 338 23.67 5.24 -6.55
N ILE A 339 22.62 5.79 -5.91
CA ILE A 339 21.54 6.36 -6.69
C ILE A 339 21.99 7.62 -7.45
N ILE A 340 22.77 8.51 -6.82
CA ILE A 340 23.17 9.72 -7.56
C ILE A 340 24.21 9.37 -8.63
N PRO A 341 25.21 8.51 -8.38
CA PRO A 341 26.04 8.04 -9.50
C PRO A 341 25.23 7.45 -10.65
N TYR A 342 24.18 6.69 -10.34
CA TYR A 342 23.34 6.10 -11.39
C TYR A 342 22.60 7.19 -12.16
N ILE A 343 22.02 8.14 -11.45
CA ILE A 343 21.27 9.21 -12.11
C ILE A 343 22.20 10.03 -12.99
N THR A 344 23.44 10.22 -12.54
CA THR A 344 24.41 11.05 -13.25
C THR A 344 24.86 10.38 -14.55
N ASN A 345 25.20 9.09 -14.47
CA ASN A 345 25.93 8.43 -15.55
C ASN A 345 25.13 7.42 -16.36
N VAL A 346 23.98 6.97 -15.86
CA VAL A 346 23.10 6.07 -16.61
C VAL A 346 21.90 6.87 -17.11
N LEU A 347 21.17 7.52 -16.19
CA LEU A 347 20.04 8.36 -16.61
C LEU A 347 20.51 9.64 -17.28
N GLN A 348 21.72 10.09 -16.97
CA GLN A 348 22.26 11.35 -17.48
C GLN A 348 21.32 12.52 -17.22
N ASN A 349 20.94 12.67 -15.94
CA ASN A 349 20.01 13.70 -15.49
C ASN A 349 20.68 14.50 -14.39
N PRO A 350 21.54 15.46 -14.73
CA PRO A 350 22.22 16.22 -13.66
C PRO A 350 21.28 17.12 -12.86
N ASP A 351 20.17 17.59 -13.44
CA ASP A 351 19.19 18.33 -12.65
C ASP A 351 18.71 17.50 -11.47
N LEU A 352 18.32 16.25 -11.72
CA LEU A 352 17.83 15.39 -10.65
C LEU A 352 18.95 15.02 -9.69
N ALA A 353 20.17 14.79 -10.20
CA ALA A 353 21.30 14.52 -9.33
C ALA A 353 21.51 15.68 -8.35
N LEU A 354 21.45 16.91 -8.86
CA LEU A 354 21.63 18.07 -8.00
C LEU A 354 20.48 18.20 -7.00
N ARG A 355 19.24 18.08 -7.48
CA ARG A 355 18.11 18.28 -6.58
C ARG A 355 18.13 17.25 -5.47
N MET A 356 18.47 16.00 -5.80
CA MET A 356 18.55 14.96 -4.78
C MET A 356 19.58 15.29 -3.72
N ALA A 357 20.78 15.71 -4.15
CA ALA A 357 21.82 16.00 -3.18
C ALA A 357 21.45 17.20 -2.30
N VAL A 358 20.76 18.18 -2.88
CA VAL A 358 20.37 19.35 -2.10
C VAL A 358 19.36 18.96 -1.03
N ARG A 359 18.43 18.08 -1.36
CA ARG A 359 17.55 17.54 -0.32
C ARG A 359 18.36 16.87 0.77
N ASN A 360 19.48 16.24 0.40
CA ASN A 360 20.50 15.80 1.35
C ASN A 360 19.92 14.79 2.34
N ASN A 361 19.05 13.93 1.84
CA ASN A 361 18.37 12.92 2.65
C ASN A 361 18.85 11.52 2.30
N LEU A 362 20.15 11.37 2.03
CA LEU A 362 20.73 10.07 1.75
C LEU A 362 21.65 9.65 2.90
S DMS B . -8.48 -7.08 3.47
O DMS B . -9.96 -7.19 3.83
C1 DMS B . -7.54 -7.96 4.75
C2 DMS B . -8.15 -8.23 2.10
H11 DMS B . -7.91 -8.95 4.84
H12 DMS B . -6.52 -7.98 4.49
H13 DMS B . -7.66 -7.46 5.67
H21 DMS B . -7.10 -8.25 1.89
H22 DMS B . -8.68 -7.92 1.24
H23 DMS B . -8.46 -9.21 2.36
S DMS C . -5.34 -3.89 -18.31
O DMS C . -6.09 -5.14 -18.02
C1 DMS C . -4.07 -4.19 -19.59
C2 DMS C . -6.41 -2.79 -19.25
H11 DMS C . -4.53 -4.62 -20.44
H12 DMS C . -3.34 -4.87 -19.21
H13 DMS C . -3.60 -3.28 -19.85
H21 DMS C . -5.88 -1.93 -19.54
H22 DMS C . -6.77 -3.29 -20.11
H23 DMS C . -7.24 -2.50 -18.65
C1 GOL D . -0.75 -0.57 -1.55
O1 GOL D . -0.77 -0.17 -2.91
C2 GOL D . -1.10 -2.06 -1.40
O2 GOL D . -0.10 -2.83 -2.02
C3 GOL D . -1.19 -2.47 0.08
O3 GOL D . -1.25 -3.89 0.16
H11 GOL D . -1.48 0.03 -0.98
H12 GOL D . 0.23 -0.38 -1.13
HO1 GOL D . -0.61 0.79 -2.97
H2 GOL D . -2.06 -2.24 -1.89
HO2 GOL D . 0.75 -2.67 -1.57
H31 GOL D . -2.08 -2.03 0.52
H32 GOL D . -0.32 -2.09 0.61
HO3 GOL D . -1.04 -4.28 -0.71
C1 EDO E . 3.66 -18.93 -11.76
O1 EDO E . 2.32 -18.88 -11.28
C2 EDO E . 4.34 -20.25 -11.43
O2 EDO E . 5.63 -20.23 -12.05
H11 EDO E . 3.66 -18.78 -12.85
H12 EDO E . 4.24 -18.10 -11.33
HO1 EDO E . 1.93 -18.03 -11.50
H21 EDO E . 3.75 -21.09 -11.82
H22 EDO E . 4.44 -20.36 -10.36
HO2 EDO E . 6.09 -21.06 -11.87
C1 EDO F . -20.16 11.85 4.63
O1 EDO F . -20.35 12.19 3.24
C2 EDO F . -21.19 10.85 5.13
O2 EDO F . -20.87 10.46 6.47
H11 EDO F . -19.15 11.44 4.76
H12 EDO F . -20.22 12.77 5.23
HO1 EDO F . -19.69 12.83 2.97
H21 EDO F . -22.19 11.30 5.10
H22 EDO F . -21.19 9.97 4.48
HO2 EDO F . -21.53 9.82 6.79
C ACT G . 2.56 -12.77 18.74
O ACT G . 2.73 -12.76 19.99
OXT ACT G . 1.92 -13.74 18.27
CH3 ACT G . 3.10 -11.68 17.86
H1 ACT G . 3.62 -10.95 18.47
H2 ACT G . 2.28 -11.19 17.34
H3 ACT G . 3.79 -12.11 17.14
C ACT H . 9.76 14.96 2.85
O ACT H . 9.02 14.12 2.27
OXT ACT H . 9.99 16.04 2.25
CH3 ACT H . 10.30 14.63 4.21
H1 ACT H . 10.90 15.45 4.57
H2 ACT H . 10.91 13.72 4.14
H3 ACT H . 9.47 14.45 4.89
C ACT I . 12.86 -12.25 -11.66
O ACT I . 12.54 -13.41 -11.33
OXT ACT I . 12.21 -11.74 -12.60
CH3 ACT I . 13.96 -11.50 -10.96
H1 ACT I . 14.39 -12.14 -10.19
H2 ACT I . 14.73 -11.23 -11.68
H3 ACT I . 13.56 -10.60 -10.51
CAB HRS J . -12.15 -15.92 17.99
CAC HRS J . -12.18 -16.16 16.68
CAD HRS J . -12.73 -15.16 15.94
CAE HRS J . -13.16 -14.14 16.68
CAK HRS J . -9.50 -15.93 20.15
CAL HRS J . -9.34 -14.59 20.36
CAM HRS J . -8.11 -14.00 20.08
CAN HRS J . -7.05 -14.74 19.61
CAO HRS J . -7.21 -16.10 19.40
CAP HRS J . -8.45 -16.69 19.67
NAH HRS J . -10.69 -16.45 20.41
NAQ HRS J . -5.91 -14.09 19.38
OAI HRS J . -10.59 -18.11 18.48
OAJ HRS J . -12.67 -17.88 19.78
OAR HRS J . -4.85 -14.67 18.51
OAS HRS J . -5.81 -13.00 19.84
SAA HRS J . -12.85 -14.45 18.29
SAG HRS J . -11.50 -17.11 19.19
BR HRS J . -13.99 -12.59 15.93
HAC HRS J . -11.78 -17.07 16.22
HAD HRS J . -12.82 -15.19 14.86
HAL HRS J . -10.16 -13.98 20.73
HAM HRS J . -7.99 -12.93 20.26
HAO HRS J . -6.39 -16.70 19.01
HAP HRS J . -8.58 -17.77 19.50
HAH HRS J . -11.11 -16.41 21.32
#